data_6WTO
#
_entry.id   6WTO
#
_cell.length_a   78.972
_cell.length_b   78.972
_cell.length_c   85.272
_cell.angle_alpha   90.000
_cell.angle_beta   90.000
_cell.angle_gamma   120.000
#
_symmetry.space_group_name_H-M   'P 31 2 1'
#
loop_
_entity.id
_entity.type
_entity.pdbx_description
1 polymer 'Tyrosine-protein kinase JAK2'
2 non-polymer 1,2-ETHANEDIOL
3 non-polymer Baricitinib
4 water water
#
_entity_poly.entity_id   1
_entity_poly.type   'polypeptide(L)'
_entity_poly.pdbx_seq_one_letter_code
;MAFEDRDPTQFEERHLKFLQQLGKGNFGSVEMCRYDPLQDNTGEVVAVKKLQHSTEEHLRDFEREIEILKSLQHDNIVKY
KGVCYSAGRRNLKLIMEYLPYGSLRDYLQKHKERIDHIKLLQYTSQICKGMEYLGTKRYIHRDLATRNILVENENRVKIG
DFGLTKVLPQDKE(PTR)(PTR)KVKEPGESPIFWYAPESLTESKFSVASDVWSFGVVLYELFTYIEKSKSPPAEFMRMI
GNDKQGQMIVFHLIELLKNNGRLPRPDGCPDEIYMIMTECWNNNVNQRPSFRDLALRVDQIRDNMAGGSGSENLYFQ
;
_entity_poly.pdbx_strand_id   A
#
loop_
_chem_comp.id
_chem_comp.type
_chem_comp.name
_chem_comp.formula
3JW non-polymer Baricitinib 'C16 H17 N7 O2 S'
EDO non-polymer 1,2-ETHANEDIOL 'C2 H6 O2'
#
# COMPACT_ATOMS: atom_id res chain seq x y z
N GLN A 10 -8.77 26.30 5.58
CA GLN A 10 -9.36 25.19 6.30
C GLN A 10 -10.80 24.94 5.85
N PHE A 11 -11.46 23.98 6.48
CA PHE A 11 -12.83 23.65 6.15
C PHE A 11 -13.72 23.94 7.34
N GLU A 12 -14.89 24.52 7.07
CA GLU A 12 -15.86 24.78 8.11
C GLU A 12 -16.81 23.60 8.30
N GLU A 13 -16.70 22.92 9.43
CA GLU A 13 -17.45 21.68 9.65
C GLU A 13 -18.95 21.89 9.47
N ARG A 14 -19.44 23.10 9.75
CA ARG A 14 -20.86 23.40 9.58
C ARG A 14 -21.32 23.21 8.14
N HIS A 15 -20.50 23.05 7.23
CA HIS A 15 -20.82 22.86 5.82
C HIS A 15 -20.36 21.50 5.30
N LEU A 16 -20.03 20.67 6.18
CA LEU A 16 -19.68 19.30 5.83
C LEU A 16 -20.83 18.39 6.24
N LYS A 17 -21.40 17.68 5.27
CA LYS A 17 -22.51 16.77 5.50
C LYS A 17 -22.07 15.35 5.21
N PHE A 18 -22.14 14.49 6.22
CA PHE A 18 -21.78 13.09 6.03
C PHE A 18 -22.73 12.43 5.03
N LEU A 19 -22.17 11.76 4.03
CA LEU A 19 -22.97 11.08 3.02
C LEU A 19 -22.85 9.57 3.11
N GLN A 20 -21.62 9.05 3.19
CA GLN A 20 -21.40 7.62 3.27
C GLN A 20 -20.09 7.36 4.00
N GLN A 21 -20.04 6.22 4.68
CA GLN A 21 -18.80 5.74 5.27
C GLN A 21 -17.99 5.02 4.21
N LEU A 22 -16.71 5.39 4.08
CA LEU A 22 -15.81 4.76 3.12
C LEU A 22 -14.90 3.72 3.77
N GLY A 23 -14.63 3.87 5.06
CA GLY A 23 -13.82 2.92 5.81
C GLY A 23 -13.90 3.26 7.29
N LYS A 24 -14.04 2.25 8.14
CA LYS A 24 -14.18 2.46 9.58
C LYS A 24 -13.27 1.47 10.29
N GLY A 25 -12.06 1.94 10.60
CA GLY A 25 -11.02 1.20 11.28
C GLY A 25 -11.09 1.33 12.79
N ASN A 26 -10.18 0.65 13.48
CA ASN A 26 -10.09 0.66 14.95
C ASN A 26 -9.24 1.82 15.49
N PHE A 27 -8.65 2.59 14.57
CA PHE A 27 -7.84 3.75 14.91
C PHE A 27 -8.01 4.92 13.92
N GLY A 28 -8.85 4.73 12.90
CA GLY A 28 -9.17 5.81 11.99
C GLY A 28 -10.34 5.41 11.12
N SER A 29 -11.00 6.42 10.57
CA SER A 29 -12.10 6.18 9.64
C SER A 29 -12.06 7.24 8.55
N VAL A 30 -12.70 6.92 7.43
CA VAL A 30 -12.79 7.82 6.29
C VAL A 30 -14.25 7.88 5.84
N GLU A 31 -14.76 9.10 5.68
CA GLU A 31 -16.15 9.31 5.31
C GLU A 31 -16.23 10.06 3.98
N MET A 32 -17.28 9.76 3.22
CA MET A 32 -17.64 10.54 2.05
C MET A 32 -18.59 11.65 2.48
N CYS A 33 -18.14 12.89 2.38
CA CYS A 33 -18.94 14.04 2.80
C CYS A 33 -19.04 15.05 1.69
N ARG A 34 -20.12 15.82 1.70
CA ARG A 34 -20.33 16.92 0.75
C ARG A 34 -19.96 18.23 1.43
N TYR A 35 -19.01 18.93 0.85
CA TYR A 35 -18.64 20.23 1.35
C TYR A 35 -19.34 21.27 0.51
N ASP A 36 -20.34 21.93 1.08
CA ASP A 36 -21.15 22.85 0.29
C ASP A 36 -21.30 24.19 1.01
N PRO A 37 -20.26 25.02 0.97
CA PRO A 37 -20.25 26.33 1.64
C PRO A 37 -21.22 27.31 1.00
N LEU A 38 -21.53 27.10 -0.28
CA LEU A 38 -22.14 28.14 -1.10
C LEU A 38 -21.44 29.47 -0.92
N THR A 42 -23.69 23.50 -5.90
CA THR A 42 -24.18 22.44 -5.04
C THR A 42 -23.08 21.84 -4.18
N GLY A 43 -21.83 22.21 -4.47
CA GLY A 43 -20.69 21.86 -3.64
C GLY A 43 -19.88 20.72 -4.23
N GLU A 44 -18.87 20.27 -3.48
CA GLU A 44 -18.02 19.18 -3.92
C GLU A 44 -18.14 17.97 -2.98
N VAL A 45 -17.68 16.81 -3.44
CA VAL A 45 -17.53 15.65 -2.58
C VAL A 45 -16.07 15.47 -2.16
N VAL A 46 -15.85 15.26 -0.86
CA VAL A 46 -14.51 15.12 -0.34
C VAL A 46 -14.46 13.85 0.51
N ALA A 47 -13.23 13.37 0.75
CA ALA A 47 -12.97 12.28 1.67
C ALA A 47 -12.43 12.85 2.97
N VAL A 48 -13.02 12.43 4.09
CA VAL A 48 -12.70 13.01 5.40
C VAL A 48 -12.17 11.91 6.29
N LYS A 49 -10.89 12.00 6.66
CA LYS A 49 -10.28 11.05 7.58
C LYS A 49 -10.31 11.60 8.99
N LYS A 50 -10.81 10.80 9.93
CA LYS A 50 -10.93 11.19 11.32
C LYS A 50 -10.29 10.12 12.19
N LEU A 51 -10.02 10.48 13.43
CA LEU A 51 -9.31 9.61 14.37
C LEU A 51 -10.32 8.84 15.22
N GLN A 52 -10.08 7.54 15.37
CA GLN A 52 -10.81 6.70 16.30
C GLN A 52 -9.88 6.30 17.44
N HIS A 53 -10.41 6.28 18.66
CA HIS A 53 -9.61 6.04 19.86
C HIS A 53 -8.44 7.01 19.93
N SER A 54 -8.78 8.29 19.93
CA SER A 54 -7.79 9.37 19.83
C SER A 54 -7.11 9.58 21.18
N THR A 55 -5.88 9.10 21.31
CA THR A 55 -5.04 9.40 22.46
C THR A 55 -4.01 10.46 22.08
N GLU A 56 -3.36 11.04 23.09
CA GLU A 56 -2.34 12.05 22.84
C GLU A 56 -1.28 11.55 21.87
N GLU A 57 -0.88 10.28 22.02
CA GLU A 57 0.07 9.70 21.07
C GLU A 57 -0.53 9.61 19.68
N HIS A 58 -1.77 9.16 19.58
CA HIS A 58 -2.41 8.98 18.27
C HIS A 58 -2.62 10.33 17.57
N LEU A 59 -3.01 11.36 18.32
CA LEU A 59 -3.16 12.67 17.71
C LEU A 59 -1.81 13.22 17.28
N ARG A 60 -0.74 12.97 18.05
CA ARG A 60 0.59 13.38 17.63
C ARG A 60 0.98 12.68 16.32
N ASP A 61 0.70 11.38 16.22
CA ASP A 61 1.01 10.66 14.99
C ASP A 61 0.15 11.16 13.83
N PHE A 62 -1.13 11.45 14.10
CA PHE A 62 -2.01 11.95 13.05
C PHE A 62 -1.54 13.30 12.54
N GLU A 63 -1.04 14.16 13.43
CA GLU A 63 -0.50 15.45 13.01
C GLU A 63 0.67 15.28 12.05
N ARG A 64 1.56 14.32 12.35
CA ARG A 64 2.71 14.08 11.47
C ARG A 64 2.28 13.46 10.14
N GLU A 65 1.29 12.58 10.18
CA GLU A 65 0.74 12.01 8.93
C GLU A 65 0.17 13.09 8.05
N ILE A 66 -0.58 14.01 8.65
CA ILE A 66 -1.10 15.17 7.93
C ILE A 66 0.02 15.94 7.24
N GLU A 67 1.09 16.21 7.98
CA GLU A 67 2.22 16.95 7.43
C GLU A 67 2.90 16.19 6.30
N ILE A 68 2.97 14.87 6.43
CA ILE A 68 3.61 14.06 5.39
C ILE A 68 2.81 14.12 4.10
N LEU A 69 1.48 14.00 4.19
CA LEU A 69 0.68 14.01 2.96
C LEU A 69 0.67 15.39 2.31
N LYS A 70 0.58 16.44 3.13
CA LYS A 70 0.64 17.80 2.58
C LYS A 70 1.94 18.05 1.81
N SER A 71 3.03 17.41 2.23
CA SER A 71 4.32 17.56 1.57
C SER A 71 4.42 16.77 0.26
N LEU A 72 3.46 15.92 -0.05
CA LEU A 72 3.50 15.06 -1.23
C LEU A 72 2.64 15.64 -2.33
N GLN A 73 3.22 15.75 -3.53
CA GLN A 73 2.50 16.21 -4.73
C GLN A 73 2.91 15.31 -5.88
N HIS A 74 2.09 14.30 -6.18
CA HIS A 74 2.43 13.31 -7.20
C HIS A 74 1.13 12.76 -7.80
N ASP A 75 1.20 12.47 -9.11
CA ASP A 75 0.04 11.96 -9.83
C ASP A 75 -0.52 10.69 -9.20
N ASN A 76 0.33 9.89 -8.55
CA ASN A 76 -0.09 8.62 -7.99
C ASN A 76 -0.09 8.64 -6.46
N ILE A 77 -0.38 9.80 -5.87
CA ILE A 77 -0.55 9.96 -4.44
C ILE A 77 -1.80 10.79 -4.19
N VAL A 78 -2.68 10.30 -3.31
CA VAL A 78 -3.96 10.96 -3.07
C VAL A 78 -3.74 12.41 -2.65
N LYS A 79 -4.59 13.30 -3.16
CA LYS A 79 -4.38 14.73 -3.06
C LYS A 79 -4.86 15.24 -1.71
N TYR A 80 -3.94 15.85 -0.95
CA TYR A 80 -4.31 16.61 0.24
C TYR A 80 -5.15 17.81 -0.17
N LYS A 81 -6.17 18.12 0.65
CA LYS A 81 -6.98 19.31 0.43
C LYS A 81 -6.98 20.27 1.61
N GLY A 82 -7.11 19.74 2.82
CA GLY A 82 -6.81 20.50 4.02
C GLY A 82 -7.40 19.91 5.28
N VAL A 83 -7.51 20.73 6.32
CA VAL A 83 -7.87 20.24 7.64
C VAL A 83 -9.09 20.99 8.18
N CYS A 84 -9.79 20.37 9.13
CA CYS A 84 -11.05 20.90 9.64
C CYS A 84 -11.17 20.67 11.13
N TYR A 85 -11.76 21.64 11.82
CA TYR A 85 -11.89 21.58 13.27
C TYR A 85 -13.35 21.62 13.70
N LEU A 92 -10.34 17.55 14.94
CA LEU A 92 -9.36 17.62 13.85
C LEU A 92 -9.58 16.52 12.80
N LYS A 93 -9.85 16.94 11.56
CA LYS A 93 -10.12 16.03 10.45
C LYS A 93 -9.20 16.33 9.28
N LEU A 94 -8.90 15.29 8.50
CA LEU A 94 -8.07 15.40 7.30
C LEU A 94 -8.96 15.29 6.08
N ILE A 95 -8.96 16.33 5.24
CA ILE A 95 -9.78 16.38 4.04
C ILE A 95 -8.91 16.11 2.83
N MET A 96 -9.35 15.20 1.96
CA MET A 96 -8.71 14.98 0.68
C MET A 96 -9.73 14.97 -0.45
N GLU A 97 -9.32 14.47 -1.62
CA GLU A 97 -10.24 14.22 -2.72
C GLU A 97 -10.97 12.89 -2.53
N TYR A 98 -12.10 12.74 -3.21
CA TYR A 98 -12.84 11.49 -3.18
C TYR A 98 -12.59 10.71 -4.45
N LEU A 99 -11.86 9.65 -4.30
CA LEU A 99 -11.65 8.81 -5.47
C LEU A 99 -12.78 7.81 -5.58
N PRO A 100 -13.63 7.88 -6.60
CA PRO A 100 -14.93 7.20 -6.55
C PRO A 100 -14.89 5.71 -6.81
N TYR A 101 -13.79 5.13 -7.25
CA TYR A 101 -13.74 3.70 -7.48
C TYR A 101 -13.21 2.93 -6.26
N GLY A 102 -12.93 3.62 -5.16
CA GLY A 102 -12.63 2.92 -3.92
C GLY A 102 -11.26 2.28 -3.93
N SER A 103 -11.08 1.28 -3.07
CA SER A 103 -9.78 0.63 -3.03
C SER A 103 -9.60 -0.28 -4.23
N LEU A 104 -8.34 -0.47 -4.62
CA LEU A 104 -8.02 -1.42 -5.68
C LEU A 104 -8.56 -2.81 -5.38
N ARG A 105 -8.69 -3.18 -4.10
CA ARG A 105 -9.22 -4.50 -3.76
CA ARG A 105 -9.23 -4.49 -3.75
C ARG A 105 -10.66 -4.64 -4.25
N ASP A 106 -11.50 -3.66 -3.96
CA ASP A 106 -12.89 -3.73 -4.42
C ASP A 106 -12.95 -3.63 -5.94
N TYR A 107 -12.13 -2.76 -6.51
CA TYR A 107 -12.19 -2.52 -7.95
C TYR A 107 -11.75 -3.74 -8.73
N LEU A 108 -10.60 -4.32 -8.35
CA LEU A 108 -10.09 -5.47 -9.06
C LEU A 108 -11.02 -6.66 -8.90
N GLN A 109 -11.59 -6.84 -7.70
CA GLN A 109 -12.57 -7.90 -7.51
C GLN A 109 -13.76 -7.72 -8.42
N LYS A 110 -14.25 -6.49 -8.56
CA LYS A 110 -15.46 -6.26 -9.35
C LYS A 110 -15.21 -6.35 -10.85
N HIS A 111 -14.02 -5.97 -11.31
CA HIS A 111 -13.75 -5.80 -12.74
C HIS A 111 -12.75 -6.80 -13.28
N LYS A 112 -12.40 -7.83 -12.49
CA LYS A 112 -11.28 -8.72 -12.82
C LYS A 112 -11.35 -9.27 -14.24
N GLU A 113 -12.54 -9.62 -14.74
CA GLU A 113 -12.63 -10.18 -16.09
C GLU A 113 -12.16 -9.20 -17.15
N ARG A 114 -12.17 -7.90 -16.87
CA ARG A 114 -11.80 -6.87 -17.84
C ARG A 114 -10.38 -6.34 -17.63
N ILE A 115 -9.65 -6.84 -16.65
CA ILE A 115 -8.36 -6.27 -16.30
C ILE A 115 -7.29 -7.27 -16.73
N ASP A 116 -6.71 -7.01 -17.89
CA ASP A 116 -5.65 -7.85 -18.44
C ASP A 116 -4.32 -7.55 -17.76
N HIS A 117 -3.31 -8.36 -18.09
CA HIS A 117 -1.99 -8.19 -17.46
C HIS A 117 -1.34 -6.87 -17.83
N ILE A 118 -1.58 -6.38 -19.06
CA ILE A 118 -1.02 -5.08 -19.45
C ILE A 118 -1.59 -3.98 -18.57
N LYS A 119 -2.86 -4.12 -18.16
CA LYS A 119 -3.46 -3.15 -17.25
C LYS A 119 -2.91 -3.30 -15.82
N LEU A 120 -2.76 -4.55 -15.34
CA LEU A 120 -2.14 -4.75 -14.03
C LEU A 120 -0.77 -4.10 -13.97
N LEU A 121 0.01 -4.21 -15.05
CA LEU A 121 1.34 -3.62 -15.05
C LEU A 121 1.28 -2.09 -15.13
N GLN A 122 0.21 -1.54 -15.72
CA GLN A 122 0.00 -0.10 -15.66
C GLN A 122 -0.17 0.36 -14.21
N TYR A 123 -1.00 -0.34 -13.44
CA TYR A 123 -1.16 -0.01 -12.02
C TYR A 123 0.14 -0.23 -11.27
N THR A 124 0.84 -1.33 -11.57
CA THR A 124 2.10 -1.65 -10.91
C THR A 124 3.11 -0.54 -11.14
N SER A 125 3.23 -0.08 -12.38
CA SER A 125 4.14 1.00 -12.73
C SER A 125 3.80 2.27 -11.95
N GLN A 126 2.52 2.58 -11.81
CA GLN A 126 2.11 3.79 -11.10
C GLN A 126 2.43 3.70 -9.61
N ILE A 127 2.18 2.54 -9.00
CA ILE A 127 2.56 2.35 -7.60
C ILE A 127 4.07 2.50 -7.45
N CYS A 128 4.84 1.94 -8.38
CA CYS A 128 6.29 2.03 -8.32
CA CYS A 128 6.28 2.03 -8.30
C CYS A 128 6.76 3.46 -8.37
N LYS A 129 6.15 4.27 -9.23
CA LYS A 129 6.60 5.66 -9.37
C LYS A 129 6.21 6.49 -8.16
N GLY A 130 5.07 6.18 -7.54
CA GLY A 130 4.75 6.84 -6.28
C GLY A 130 5.77 6.50 -5.19
N MET A 131 6.18 5.23 -5.12
CA MET A 131 7.15 4.83 -4.10
C MET A 131 8.52 5.42 -4.40
N GLU A 132 8.90 5.45 -5.67
CA GLU A 132 10.12 6.14 -6.09
C GLU A 132 10.14 7.57 -5.57
N TYR A 133 9.02 8.28 -5.73
CA TYR A 133 8.90 9.66 -5.28
C TYR A 133 8.97 9.77 -3.76
N LEU A 134 8.37 8.80 -3.05
CA LEU A 134 8.49 8.78 -1.58
C LEU A 134 9.94 8.62 -1.15
N GLY A 135 10.70 7.78 -1.85
CA GLY A 135 12.10 7.60 -1.51
C GLY A 135 12.90 8.87 -1.60
N THR A 136 12.58 9.71 -2.57
CA THR A 136 13.26 10.99 -2.74
C THR A 136 13.23 11.81 -1.45
N LYS A 137 12.09 11.75 -0.75
CA LYS A 137 11.91 12.50 0.49
C LYS A 137 12.34 11.73 1.73
N ARG A 138 12.93 10.55 1.54
CA ARG A 138 13.37 9.67 2.62
C ARG A 138 12.22 9.28 3.54
N TYR A 139 11.07 9.00 2.94
CA TYR A 139 9.91 8.45 3.64
C TYR A 139 9.85 6.94 3.44
N ILE A 140 9.54 6.22 4.51
CA ILE A 140 9.25 4.79 4.49
C ILE A 140 7.75 4.62 4.69
N HIS A 141 7.08 3.92 3.77
CA HIS A 141 5.62 3.83 3.83
C HIS A 141 5.16 2.87 4.92
N ARG A 142 5.77 1.69 5.00
CA ARG A 142 5.56 0.65 6.02
C ARG A 142 4.22 -0.07 5.89
N ASP A 143 3.36 0.27 4.93
CA ASP A 143 2.01 -0.29 4.87
C ASP A 143 1.58 -0.49 3.42
N LEU A 144 2.53 -0.82 2.56
CA LEU A 144 2.25 -1.00 1.13
C LEU A 144 1.49 -2.30 0.92
N ALA A 145 0.24 -2.19 0.46
CA ALA A 145 -0.68 -3.30 0.30
C ALA A 145 -1.83 -2.81 -0.57
N THR A 146 -2.53 -3.73 -1.25
CA THR A 146 -3.59 -3.27 -2.16
C THR A 146 -4.70 -2.57 -1.39
N ARG A 147 -4.88 -2.89 -0.11
CA ARG A 147 -5.91 -2.20 0.67
C ARG A 147 -5.65 -0.71 0.79
N ASN A 148 -4.41 -0.25 0.55
CA ASN A 148 -4.05 1.14 0.69
C ASN A 148 -3.81 1.82 -0.66
N ILE A 149 -4.26 1.20 -1.74
CA ILE A 149 -4.23 1.78 -3.08
C ILE A 149 -5.66 2.07 -3.50
N LEU A 150 -5.90 3.29 -3.97
CA LEU A 150 -7.23 3.74 -4.38
C LEU A 150 -7.25 3.90 -5.90
N VAL A 151 -8.45 3.80 -6.47
CA VAL A 151 -8.66 3.88 -7.92
C VAL A 151 -9.37 5.18 -8.24
N GLU A 152 -8.72 6.05 -9.03
CA GLU A 152 -9.41 7.25 -9.50
C GLU A 152 -10.30 6.94 -10.70
N ASN A 153 -9.74 6.30 -11.72
CA ASN A 153 -10.51 5.84 -12.87
C ASN A 153 -9.82 4.58 -13.39
N GLU A 154 -10.31 4.05 -14.51
CA GLU A 154 -9.74 2.80 -14.99
C GLU A 154 -8.28 2.92 -15.42
N ASN A 155 -7.75 4.13 -15.54
CA ASN A 155 -6.36 4.31 -15.97
C ASN A 155 -5.45 4.91 -14.91
N ARG A 156 -5.91 5.11 -13.68
CA ARG A 156 -5.03 5.75 -12.70
C ARG A 156 -5.37 5.30 -11.29
N VAL A 157 -4.35 4.82 -10.58
CA VAL A 157 -4.47 4.48 -9.17
C VAL A 157 -3.53 5.37 -8.38
N LYS A 158 -3.78 5.47 -7.08
CA LYS A 158 -2.99 6.32 -6.21
C LYS A 158 -2.79 5.63 -4.87
N ILE A 159 -1.61 5.83 -4.28
CA ILE A 159 -1.38 5.42 -2.89
C ILE A 159 -2.27 6.29 -2.00
N GLY A 160 -3.10 5.65 -1.17
CA GLY A 160 -4.20 6.37 -0.56
C GLY A 160 -4.13 6.61 0.94
N ASP A 161 -3.19 5.99 1.62
CA ASP A 161 -3.09 6.13 3.07
C ASP A 161 -1.63 6.14 3.51
N PHE A 162 -1.33 6.96 4.51
CA PHE A 162 0.05 7.12 4.97
C PHE A 162 0.15 7.03 6.48
N GLY A 163 -0.77 6.29 7.09
CA GLY A 163 -0.89 6.27 8.54
C GLY A 163 0.31 5.70 9.28
N LEU A 164 1.10 4.82 8.63
CA LEU A 164 2.28 4.24 9.26
C LEU A 164 3.58 4.85 8.73
N THR A 165 3.50 5.80 7.82
CA THR A 165 4.68 6.32 7.14
C THR A 165 5.59 7.06 8.11
N LYS A 166 6.89 6.80 7.99
CA LYS A 166 7.91 7.38 8.86
C LYS A 166 8.88 8.20 8.02
N VAL A 167 9.50 9.19 8.65
CA VAL A 167 10.56 9.96 8.03
C VAL A 167 11.88 9.38 8.55
N LEU A 168 12.75 8.97 7.63
CA LEU A 168 14.03 8.41 8.04
C LEU A 168 14.84 9.46 8.80
N PRO A 169 15.53 9.06 9.87
CA PRO A 169 16.40 10.01 10.56
C PRO A 169 17.59 10.40 9.69
N GLN A 170 18.14 11.58 9.96
CA GLN A 170 19.25 12.09 9.16
C GLN A 170 20.46 11.15 9.15
N ASP A 171 20.55 10.27 10.14
CA ASP A 171 21.80 9.55 10.40
C ASP A 171 21.67 8.05 10.16
N LYS A 172 20.51 7.62 9.68
CA LYS A 172 20.25 6.19 9.45
C LYS A 172 19.42 5.98 8.20
N GLU A 173 19.55 4.80 7.60
CA GLU A 173 18.73 4.43 6.45
C GLU A 173 17.73 3.34 6.82
N PTR A 174 17.40 3.26 8.11
CA PTR A 174 16.25 2.48 8.56
C PTR A 174 15.61 3.19 9.76
O PTR A 174 16.24 4.03 10.41
CB PTR A 174 16.64 1.05 8.95
CG PTR A 174 17.63 1.03 10.07
CD1 PTR A 174 17.22 0.96 11.40
CD2 PTR A 174 18.99 1.14 9.82
CE1 PTR A 174 18.12 0.97 12.44
CE2 PTR A 174 19.91 1.15 10.86
CZ PTR A 174 19.48 1.06 12.16
OH PTR A 174 20.35 1.10 13.13
P PTR A 174 20.99 -0.21 13.80
O1P PTR A 174 19.89 -0.91 14.47
O2P PTR A 174 21.60 -1.09 12.70
O3P PTR A 174 22.07 0.20 14.82
N PTR A 175 14.37 2.82 10.04
CA PTR A 175 13.65 3.32 11.19
C PTR A 175 13.18 2.13 12.01
O PTR A 175 12.58 1.20 11.47
CB PTR A 175 12.46 4.21 10.81
CG PTR A 175 11.97 5.08 11.94
CD1 PTR A 175 12.25 6.44 11.96
CD2 PTR A 175 11.25 4.55 13.00
CE1 PTR A 175 11.82 7.24 13.01
CE2 PTR A 175 10.82 5.33 14.05
CZ PTR A 175 11.10 6.69 14.05
OH PTR A 175 10.70 7.42 15.06
P PTR A 175 9.57 8.57 14.96
O1P PTR A 175 8.27 7.94 15.25
O2P PTR A 175 9.87 9.64 16.03
O3P PTR A 175 9.58 9.22 13.57
N LYS A 176 13.44 2.15 13.31
CA LYS A 176 12.95 1.11 14.21
C LYS A 176 11.66 1.53 14.90
N VAL A 177 10.68 0.65 14.83
CA VAL A 177 9.35 0.89 15.34
C VAL A 177 8.82 -0.29 16.13
N LYS A 178 8.49 -0.08 17.38
CA LYS A 178 7.66 -1.04 18.12
C LYS A 178 6.45 -1.53 17.37
N SER A 183 0.16 -4.66 13.02
CA SER A 183 1.24 -5.11 12.15
C SER A 183 0.77 -6.13 11.11
N PRO A 184 0.77 -5.72 9.83
CA PRO A 184 0.37 -6.65 8.75
C PRO A 184 1.50 -7.61 8.38
N ILE A 185 1.66 -8.64 9.22
CA ILE A 185 2.91 -9.40 9.21
C ILE A 185 3.13 -10.15 7.91
N PHE A 186 2.05 -10.49 7.20
CA PHE A 186 2.22 -11.24 5.96
C PHE A 186 2.71 -10.38 4.81
N TRP A 187 2.92 -9.09 5.04
CA TRP A 187 3.54 -8.19 4.07
C TRP A 187 4.93 -7.76 4.52
N TYR A 188 5.38 -8.21 5.70
CA TYR A 188 6.59 -7.69 6.31
C TYR A 188 7.84 -8.41 5.81
N ALA A 189 8.89 -7.65 5.56
CA ALA A 189 10.20 -8.21 5.33
C ALA A 189 10.71 -8.95 6.57
N PRO A 190 11.62 -9.92 6.39
CA PRO A 190 12.13 -10.67 7.56
C PRO A 190 12.73 -9.78 8.62
N GLU A 191 13.51 -8.76 8.24
CA GLU A 191 14.13 -7.90 9.24
C GLU A 191 13.13 -6.98 9.93
N SER A 192 11.98 -6.71 9.31
CA SER A 192 10.89 -6.05 10.02
C SER A 192 10.28 -6.98 11.05
N LEU A 193 10.13 -8.26 10.69
CA LEU A 193 9.61 -9.24 11.66
C LEU A 193 10.57 -9.46 12.82
N THR A 194 11.87 -9.45 12.57
CA THR A 194 12.81 -9.80 13.63
C THR A 194 13.34 -8.58 14.38
N GLU A 195 13.75 -7.53 13.67
CA GLU A 195 14.38 -6.38 14.30
C GLU A 195 13.48 -5.15 14.37
N SER A 196 12.24 -5.24 13.89
CA SER A 196 11.34 -4.09 13.76
C SER A 196 11.98 -2.96 12.96
N LYS A 197 12.79 -3.33 11.96
CA LYS A 197 13.53 -2.37 11.15
C LYS A 197 12.80 -2.18 9.83
N PHE A 198 12.56 -0.92 9.47
CA PHE A 198 11.85 -0.56 8.25
C PHE A 198 12.72 0.37 7.44
N SER A 199 12.73 0.17 6.13
CA SER A 199 13.65 0.86 5.24
C SER A 199 13.02 0.89 3.86
N VAL A 200 13.67 1.55 2.91
CA VAL A 200 13.22 1.43 1.53
C VAL A 200 13.22 -0.03 1.11
N ALA A 201 14.22 -0.81 1.55
CA ALA A 201 14.30 -2.21 1.12
C ALA A 201 13.14 -3.04 1.67
N SER A 202 12.66 -2.72 2.88
CA SER A 202 11.49 -3.44 3.37
C SER A 202 10.21 -2.98 2.65
N ASP A 203 10.18 -1.72 2.18
CA ASP A 203 9.07 -1.33 1.31
C ASP A 203 9.11 -2.10 0.00
N VAL A 204 10.31 -2.37 -0.53
CA VAL A 204 10.42 -3.15 -1.76
C VAL A 204 9.90 -4.57 -1.54
N TRP A 205 10.23 -5.17 -0.39
CA TRP A 205 9.66 -6.48 -0.06
C TRP A 205 8.15 -6.44 -0.13
N SER A 206 7.53 -5.45 0.54
CA SER A 206 6.07 -5.37 0.54
C SER A 206 5.54 -5.12 -0.87
N PHE A 207 6.24 -4.32 -1.67
CA PHE A 207 5.83 -4.14 -3.07
C PHE A 207 5.74 -5.48 -3.78
N GLY A 208 6.70 -6.39 -3.51
CA GLY A 208 6.63 -7.72 -4.09
C GLY A 208 5.35 -8.43 -3.72
N VAL A 209 4.90 -8.25 -2.46
CA VAL A 209 3.63 -8.85 -2.05
C VAL A 209 2.46 -8.17 -2.75
N VAL A 210 2.50 -6.84 -2.94
CA VAL A 210 1.46 -6.17 -3.71
C VAL A 210 1.39 -6.75 -5.12
N LEU A 211 2.54 -6.96 -5.75
CA LEU A 211 2.55 -7.53 -7.09
C LEU A 211 1.88 -8.90 -7.10
N TYR A 212 2.15 -9.70 -6.07
CA TYR A 212 1.45 -10.98 -5.92
C TYR A 212 -0.05 -10.78 -5.77
N GLU A 213 -0.48 -9.84 -4.92
CA GLU A 213 -1.90 -9.56 -4.78
C GLU A 213 -2.53 -9.23 -6.14
N LEU A 214 -1.86 -8.37 -6.92
CA LEU A 214 -2.43 -7.99 -8.22
C LEU A 214 -2.61 -9.20 -9.12
N PHE A 215 -1.59 -10.03 -9.24
CA PHE A 215 -1.66 -11.12 -10.20
C PHE A 215 -2.46 -12.32 -9.70
N THR A 216 -2.87 -12.35 -8.43
CA THR A 216 -3.93 -13.26 -8.00
C THR A 216 -5.31 -12.63 -8.10
N TYR A 217 -5.41 -11.39 -8.62
CA TYR A 217 -6.67 -10.67 -8.74
C TYR A 217 -7.43 -10.60 -7.40
N ILE A 218 -6.67 -10.49 -6.31
CA ILE A 218 -7.19 -10.25 -4.96
C ILE A 218 -8.13 -11.40 -4.56
N GLU A 219 -7.92 -12.59 -5.11
CA GLU A 219 -8.71 -13.75 -4.71
C GLU A 219 -8.37 -14.20 -3.29
N LYS A 220 -9.37 -14.19 -2.39
CA LYS A 220 -9.09 -14.30 -0.95
C LYS A 220 -8.44 -15.63 -0.60
N SER A 221 -8.84 -16.72 -1.26
CA SER A 221 -8.23 -18.02 -0.96
C SER A 221 -6.78 -18.09 -1.39
N LYS A 222 -6.34 -17.16 -2.23
CA LYS A 222 -4.96 -17.06 -2.67
C LYS A 222 -4.23 -15.91 -2.00
N SER A 223 -4.86 -15.26 -1.01
CA SER A 223 -4.24 -14.09 -0.40
C SER A 223 -3.01 -14.49 0.39
N PRO A 224 -2.09 -13.56 0.63
CA PRO A 224 -0.87 -13.88 1.40
C PRO A 224 -1.18 -14.53 2.73
N PRO A 225 -2.15 -14.03 3.52
CA PRO A 225 -2.43 -14.71 4.79
C PRO A 225 -2.91 -16.14 4.61
N ALA A 226 -3.76 -16.41 3.62
CA ALA A 226 -4.26 -17.76 3.43
C ALA A 226 -3.15 -18.69 2.97
N GLU A 227 -2.32 -18.24 2.03
CA GLU A 227 -1.22 -19.06 1.53
C GLU A 227 -0.21 -19.35 2.62
N PHE A 228 0.21 -18.32 3.36
CA PHE A 228 1.22 -18.53 4.38
C PHE A 228 0.72 -19.43 5.50
N MET A 229 -0.57 -19.30 5.88
CA MET A 229 -1.06 -20.17 6.96
C MET A 229 -1.15 -21.62 6.50
N ARG A 230 -1.49 -21.86 5.22
CA ARG A 230 -1.47 -23.24 4.75
C ARG A 230 -0.07 -23.81 4.78
N MET A 231 0.93 -22.98 4.42
CA MET A 231 2.32 -23.41 4.43
C MET A 231 2.81 -23.65 5.86
N ILE A 232 2.40 -22.79 6.79
CA ILE A 232 2.79 -22.97 8.18
C ILE A 232 2.02 -24.12 8.82
N GLY A 233 0.70 -24.12 8.71
CA GLY A 233 -0.14 -24.89 9.59
C GLY A 233 -1.10 -23.97 10.31
N ASN A 234 -2.36 -24.35 10.41
CA ASN A 234 -3.29 -23.53 11.17
C ASN A 234 -3.37 -23.96 12.63
N ASP A 235 -2.42 -24.78 13.07
CA ASP A 235 -2.32 -25.16 14.46
C ASP A 235 -1.99 -23.89 15.28
N LYS A 236 -1.15 -23.05 14.68
CA LYS A 236 -0.64 -21.80 15.28
C LYS A 236 -1.64 -20.65 15.53
N GLN A 237 -1.31 -19.83 16.51
CA GLN A 237 -2.10 -18.68 16.95
C GLN A 237 -1.16 -17.55 17.38
N GLY A 238 -1.40 -16.35 16.82
CA GLY A 238 -0.77 -15.13 17.28
C GLY A 238 0.75 -15.08 17.24
N GLN A 239 1.38 -15.16 18.40
CA GLN A 239 2.82 -15.01 18.48
C GLN A 239 3.52 -16.14 17.72
N MET A 240 3.00 -17.36 17.81
CA MET A 240 3.61 -18.49 17.13
C MET A 240 3.48 -18.42 15.63
N ILE A 241 2.42 -17.82 15.11
CA ILE A 241 2.37 -17.57 13.67
C ILE A 241 3.60 -16.81 13.23
N VAL A 242 3.97 -15.77 14.00
CA VAL A 242 5.12 -14.94 13.60
C VAL A 242 6.39 -15.77 13.62
N PHE A 243 6.54 -16.59 14.65
CA PHE A 243 7.66 -17.49 14.74
C PHE A 243 7.70 -18.39 13.52
N HIS A 244 6.62 -19.09 13.19
CA HIS A 244 6.82 -19.97 12.04
C HIS A 244 6.85 -19.20 10.74
N LEU A 245 6.37 -18.05 10.58
CA LEU A 245 6.59 -17.25 9.39
C LEU A 245 8.06 -16.89 9.22
N ILE A 246 8.71 -16.47 10.32
CA ILE A 246 10.14 -16.16 10.26
C ILE A 246 10.94 -17.39 9.82
N GLU A 247 10.69 -18.54 10.46
CA GLU A 247 11.41 -19.75 10.07
C GLU A 247 11.15 -20.09 8.62
N LEU A 248 9.89 -19.99 8.19
CA LEU A 248 9.55 -20.29 6.81
C LEU A 248 10.34 -19.40 5.85
N LEU A 249 10.35 -18.09 6.10
CA LEU A 249 11.06 -17.18 5.21
C LEU A 249 12.56 -17.39 5.27
N LYS A 250 13.10 -17.68 6.46
CA LYS A 250 14.53 -17.94 6.57
C LYS A 250 14.95 -19.18 5.78
N ASN A 251 14.06 -20.15 5.64
CA ASN A 251 14.31 -21.34 4.85
C ASN A 251 13.87 -21.19 3.40
N ASN A 252 13.64 -19.96 2.97
CA ASN A 252 13.34 -19.62 1.58
C ASN A 252 12.00 -20.17 1.10
N GLY A 253 11.06 -20.38 2.02
CA GLY A 253 9.67 -20.55 1.62
C GLY A 253 9.11 -19.23 1.12
N ARG A 254 8.31 -19.30 0.05
CA ARG A 254 7.80 -18.10 -0.60
C ARG A 254 6.41 -18.37 -1.14
N LEU A 255 5.66 -17.28 -1.32
CA LEU A 255 4.38 -17.35 -1.98
C LEU A 255 4.56 -17.94 -3.38
N PRO A 256 3.60 -18.74 -3.86
CA PRO A 256 3.76 -19.40 -5.16
C PRO A 256 3.48 -18.45 -6.31
N ARG A 257 3.86 -18.85 -7.53
CA ARG A 257 3.55 -18.10 -8.75
C ARG A 257 2.04 -18.11 -8.98
N PRO A 258 1.38 -17.01 -9.08
CA PRO A 258 -0.07 -17.04 -9.33
C PRO A 258 -0.38 -17.66 -10.68
N ASP A 259 -1.56 -18.27 -10.77
CA ASP A 259 -2.03 -18.84 -12.01
C ASP A 259 -2.05 -17.79 -13.10
N GLY A 260 -1.47 -18.14 -14.24
CA GLY A 260 -1.40 -17.24 -15.36
C GLY A 260 -0.33 -16.17 -15.29
N CYS A 261 0.45 -16.12 -14.21
CA CYS A 261 1.37 -15.00 -14.06
C CYS A 261 2.63 -15.25 -14.88
N PRO A 262 3.03 -14.31 -15.73
CA PRO A 262 4.24 -14.51 -16.56
C PRO A 262 5.46 -14.77 -15.69
N ASP A 263 6.35 -15.62 -16.19
CA ASP A 263 7.50 -15.99 -15.38
C ASP A 263 8.36 -14.76 -15.05
N GLU A 264 8.48 -13.82 -15.98
CA GLU A 264 9.30 -12.63 -15.74
C GLU A 264 8.73 -11.80 -14.59
N ILE A 265 7.41 -11.78 -14.44
CA ILE A 265 6.82 -11.01 -13.35
C ILE A 265 7.02 -11.74 -12.02
N TYR A 266 6.88 -13.06 -12.02
CA TYR A 266 7.14 -13.80 -10.78
C TYR A 266 8.60 -13.63 -10.37
N MET A 267 9.52 -13.57 -11.33
CA MET A 267 10.92 -13.40 -11.00
C MET A 267 11.18 -12.07 -10.30
N ILE A 268 10.48 -11.01 -10.73
CA ILE A 268 10.57 -9.73 -10.03
C ILE A 268 10.08 -9.87 -8.59
N MET A 269 8.93 -10.53 -8.38
CA MET A 269 8.47 -10.79 -7.02
C MET A 269 9.57 -11.44 -6.19
N THR A 270 10.20 -12.49 -6.74
CA THR A 270 11.17 -13.24 -5.96
C THR A 270 12.41 -12.42 -5.65
N GLU A 271 12.75 -11.47 -6.54
CA GLU A 271 13.88 -10.57 -6.28
C GLU A 271 13.55 -9.60 -5.16
N CYS A 272 12.32 -9.08 -5.13
CA CYS A 272 11.89 -8.26 -3.99
C CYS A 272 11.93 -9.03 -2.69
N TRP A 273 11.71 -10.35 -2.73
CA TRP A 273 11.67 -11.19 -1.54
C TRP A 273 13.02 -11.81 -1.22
N ASN A 274 14.12 -11.13 -1.50
CA ASN A 274 15.42 -11.68 -1.12
C ASN A 274 15.61 -11.48 0.38
N ASN A 275 16.07 -12.54 1.06
CA ASN A 275 16.41 -12.40 2.48
C ASN A 275 17.53 -11.38 2.68
N ASN A 276 18.44 -11.28 1.72
CA ASN A 276 19.53 -10.31 1.78
C ASN A 276 18.98 -8.95 1.38
N VAL A 277 18.92 -8.03 2.35
CA VAL A 277 18.38 -6.70 2.12
C VAL A 277 19.10 -6.01 0.96
N ASN A 278 20.42 -6.18 0.88
CA ASN A 278 21.19 -5.47 -0.14
C ASN A 278 20.86 -5.94 -1.55
N GLN A 279 20.31 -7.14 -1.69
CA GLN A 279 20.06 -7.75 -2.99
C GLN A 279 18.71 -7.37 -3.59
N ARG A 280 17.83 -6.73 -2.81
CA ARG A 280 16.54 -6.34 -3.35
C ARG A 280 16.70 -5.20 -4.34
N PRO A 281 15.88 -5.15 -5.38
CA PRO A 281 16.00 -4.08 -6.37
C PRO A 281 15.54 -2.74 -5.82
N SER A 282 15.94 -1.68 -6.53
CA SER A 282 15.45 -0.34 -6.25
C SER A 282 14.13 -0.12 -6.96
N PHE A 283 13.35 0.82 -6.44
CA PHE A 283 12.08 1.16 -7.09
C PHE A 283 12.31 1.77 -8.46
N ARG A 284 13.40 2.52 -8.65
CA ARG A 284 13.72 3.05 -9.97
C ARG A 284 13.93 1.92 -10.96
N ASP A 285 14.67 0.88 -10.56
CA ASP A 285 14.89 -0.25 -11.44
C ASP A 285 13.61 -1.07 -11.62
N LEU A 286 12.82 -1.23 -10.56
CA LEU A 286 11.53 -1.91 -10.71
C LEU A 286 10.64 -1.19 -11.73
N ALA A 287 10.55 0.14 -11.64
CA ALA A 287 9.74 0.89 -12.59
C ALA A 287 10.23 0.68 -14.03
N LEU A 288 11.55 0.77 -14.24
CA LEU A 288 12.11 0.58 -15.57
C LEU A 288 11.76 -0.79 -16.12
N ARG A 289 11.91 -1.85 -15.31
CA ARG A 289 11.65 -3.19 -15.82
C ARG A 289 10.17 -3.42 -16.06
N VAL A 290 9.31 -2.99 -15.11
CA VAL A 290 7.87 -3.15 -15.30
C VAL A 290 7.42 -2.44 -16.59
N ASP A 291 7.91 -1.23 -16.82
CA ASP A 291 7.58 -0.51 -18.05
C ASP A 291 8.05 -1.26 -19.29
N GLN A 292 9.26 -1.84 -19.24
CA GLN A 292 9.77 -2.58 -20.39
C GLN A 292 8.94 -3.81 -20.66
N ILE A 293 8.59 -4.55 -19.61
CA ILE A 293 7.78 -5.75 -19.78
C ILE A 293 6.42 -5.40 -20.36
N ARG A 294 5.78 -4.36 -19.83
CA ARG A 294 4.48 -3.95 -20.34
C ARG A 294 4.57 -3.57 -21.81
N ASP A 295 5.61 -2.80 -22.18
CA ASP A 295 5.81 -2.40 -23.58
C ASP A 295 6.02 -3.59 -24.48
N ASN A 296 6.84 -4.56 -24.04
CA ASN A 296 7.04 -5.78 -24.82
C ASN A 296 5.74 -6.56 -24.95
N MET A 297 4.98 -6.66 -23.86
CA MET A 297 3.72 -7.39 -23.92
C MET A 297 2.76 -6.75 -24.91
N ALA A 298 2.63 -5.42 -24.89
CA ALA A 298 1.72 -4.75 -25.80
C ALA A 298 2.21 -4.81 -27.26
N GLY A 299 3.52 -4.85 -27.48
CA GLY A 299 4.06 -4.84 -28.83
C GLY A 299 4.18 -6.20 -29.47
N GLY A 300 4.02 -7.27 -28.70
CA GLY A 300 4.10 -8.61 -29.22
C GLY A 300 5.50 -9.14 -29.40
N SER A 301 6.49 -8.50 -28.79
CA SER A 301 7.89 -8.91 -28.90
C SER A 301 8.26 -9.90 -27.80
C1 EDO B . -5.35 -16.16 7.56
O1 EDO B . -5.78 -17.54 7.57
C2 EDO B . -5.02 -15.73 8.98
O2 EDO B . -4.88 -14.31 9.03
C1 EDO C . 1.80 -24.04 17.64
O1 EDO C . 1.41 -22.69 17.88
C2 EDO C . 3.23 -24.27 18.15
O2 EDO C . 4.17 -23.98 17.11
C4 3JW D . -10.86 6.33 0.25
C5 3JW D . -10.12 7.53 0.27
C6 3JW D . -10.46 8.48 -0.67
N1 3JW D . -11.47 8.25 -1.56
N3 3JW D . -11.84 6.10 -0.61
CAA 3JW D . -7.08 2.85 8.19
CAB 3JW D . -8.60 2.92 8.32
SAC 3JW D . -9.37 3.84 7.03
OAY 3JW D . -10.71 3.40 6.90
OAZ 3JW D . -9.13 5.23 7.25
NAD 3JW D . -8.59 3.44 5.66
CAJ 3JW D . -9.18 2.56 4.62
CAE 3JW D . -8.18 4.40 4.59
CAF 3JW D . -8.60 3.43 3.57
CAG 3JW D . -7.41 2.78 2.87
CAH 3JW D . -6.77 3.67 1.91
NAI 3JW D . -6.28 4.35 1.17
NAK 3JW D . -9.59 3.95 2.67
CAL 3JW D . -9.42 5.06 1.93
NAO 3JW D . -10.83 3.40 2.46
CAN 3JW D . -11.43 4.19 1.56
CAM 3JW D . -10.58 5.23 1.22
C2 3JW D . -12.09 7.09 -1.47
CAR 3JW D . -9.06 8.07 1.02
CAS 3JW D . -8.79 9.33 0.52
NAT 3JW D . -9.63 9.55 -0.48
#